data_9NBX
#
_entry.id   9NBX
#
_cell.length_a   61.818
_cell.length_b   81.359
_cell.length_c   65.854
_cell.angle_alpha   90.00
_cell.angle_beta   106.99
_cell.angle_gamma   90.00
#
_symmetry.space_group_name_H-M   'P 1 21 1'
#
loop_
_entity.id
_entity.type
_entity.pdbx_description
1 polymer 'Glutathione S-transferase class-mu 26 kDa isozyme,Serine/threonine-protein kinase PAK 1'
2 non-polymer (6M)-8-(3-aminopropyl)-6-(4-butoxy-2-methylphenyl)-2-(methylamino)pyrido[2,3-d]pyrimidin-7(8H)-one
3 non-polymer 'DIMETHYL SULFOXIDE'
4 water water
#
_entity_poly.entity_id   1
_entity_poly.type   'polypeptide(L)'
_entity_poly.pdbx_seq_one_letter_code
;MHHHHHHHHGSPILGYWKIKGLVQPTRLLLEYLEEKYEEHLYERDEGDKWRNKKFELGLEFPNLPYYIDGDVKLTQSMAI
IRYIADKHNMLGGCPKERAEISMLEGAVLDIRYGVSRIAYSKDFETLKVDFLSKLPEMLKMFKDRLCHKTYLNGDHVTHP
DFMLYDALDVVLYMDPMCLDAFPKLVCFKKRIEAIPQIDKYLKSSKYIAWPLQGWQATFGGGDHPPKSDGENLYFQGSDE
EILEKLRSIVSVGDPKKKYTRFEKIGQGASGTVYTAMDVATGQEVAIKQMNLQQQPKKELIINEILVMRENKNPNIVNYL
DSYLVGDELWVVMEYLAGGSLTDVVTETCMDEGQIAAVCRECLQALEFLHSNQVIHRNIKSDNILLGMDGSVKLTDFGFC
AQITPEQSKRSEMVGTPYWMAPEVVTRKAYGPKVDIWSLGIMAIEMIEGEPPYLNENPLRALYLIATNGTPELQNPEKLS
AIFRDFLNRCLEMDVEKRGSAKELLQHQFLKIAKPLSSLTPLIAAAKEATKNNHGNS
;
_entity_poly.pdbx_strand_id   A,B
#
loop_
_chem_comp.id
_chem_comp.type
_chem_comp.name
_chem_comp.formula
A1BW5 non-polymer (6M)-8-(3-aminopropyl)-6-(4-butoxy-2-methylphenyl)-2-(methylamino)pyrido[2,3-d]pyrimidin-7(8H)-one 'C22 H29 N5 O2'
DMS non-polymer 'DIMETHYL SULFOXIDE' 'C2 H6 O S'
#
# COMPACT_ATOMS: atom_id res chain seq x y z
N SER A 238 23.60 4.27 -1.49
CA SER A 238 23.61 3.04 -2.28
C SER A 238 22.29 2.30 -2.15
N ASP A 239 21.40 2.51 -3.13
CA ASP A 239 20.12 1.82 -3.18
C ASP A 239 20.24 0.41 -3.75
N GLU A 240 21.44 0.01 -4.19
CA GLU A 240 21.69 -1.36 -4.60
C GLU A 240 22.38 -2.18 -3.53
N GLU A 241 23.02 -1.52 -2.55
CA GLU A 241 23.61 -2.24 -1.43
C GLU A 241 22.53 -2.80 -0.50
N ILE A 242 21.36 -2.16 -0.47
CA ILE A 242 20.26 -2.66 0.34
C ILE A 242 19.67 -3.91 -0.30
N LEU A 243 19.58 -3.94 -1.63
CA LEU A 243 19.16 -5.16 -2.31
C LEU A 243 20.19 -6.26 -2.13
N GLU A 244 21.47 -5.93 -2.35
CA GLU A 244 22.52 -6.93 -2.20
C GLU A 244 22.49 -7.57 -0.82
N LYS A 245 22.21 -6.76 0.21
CA LYS A 245 22.10 -7.32 1.56
C LYS A 245 20.93 -8.31 1.65
N LEU A 246 19.78 -7.95 1.06
CA LEU A 246 18.62 -8.82 1.11
C LEU A 246 18.91 -10.16 0.45
N ARG A 247 19.56 -10.14 -0.72
CA ARG A 247 19.89 -11.39 -1.39
C ARG A 247 20.86 -12.22 -0.55
N SER A 248 21.83 -11.57 0.09
CA SER A 248 22.81 -12.29 0.87
C SER A 248 22.18 -13.01 2.06
N ILE A 249 21.05 -12.50 2.56
CA ILE A 249 20.41 -13.06 3.74
C ILE A 249 19.66 -14.34 3.44
N VAL A 250 19.37 -14.62 2.17
CA VAL A 250 18.66 -15.82 1.77
C VAL A 250 19.56 -16.61 0.81
N SER A 251 19.31 -17.92 0.74
CA SER A 251 20.16 -18.83 0.00
C SER A 251 19.51 -19.27 -1.31
N VAL A 252 20.36 -19.68 -2.26
CA VAL A 252 19.93 -20.03 -3.61
C VAL A 252 19.73 -21.54 -3.69
N GLY A 253 18.54 -21.94 -4.14
CA GLY A 253 18.22 -23.34 -4.33
C GLY A 253 16.89 -23.45 -5.03
N ASP A 254 16.50 -24.69 -5.32
CA ASP A 254 15.27 -24.95 -6.04
C ASP A 254 14.14 -25.20 -5.05
N PRO A 255 13.16 -24.29 -4.93
CA PRO A 255 12.01 -24.59 -4.07
C PRO A 255 11.16 -25.72 -4.63
N LYS A 256 10.96 -25.73 -5.96
CA LYS A 256 10.17 -26.77 -6.61
C LYS A 256 10.79 -28.15 -6.46
N LYS A 257 12.01 -28.24 -5.92
CA LYS A 257 12.66 -29.52 -5.65
C LYS A 257 12.57 -29.91 -4.18
N LYS A 258 11.83 -29.14 -3.37
CA LYS A 258 11.64 -29.49 -1.95
C LYS A 258 10.15 -29.51 -1.61
N TYR A 259 9.36 -28.66 -2.26
CA TYR A 259 7.92 -28.60 -2.05
C TYR A 259 7.20 -28.82 -3.38
N THR A 260 6.06 -29.50 -3.32
CA THR A 260 5.26 -29.77 -4.51
C THR A 260 3.80 -29.41 -4.26
N ARG A 261 2.92 -29.76 -5.20
CA ARG A 261 1.48 -29.50 -5.07
C ARG A 261 1.23 -28.00 -4.89
N PHE A 262 1.90 -27.20 -5.71
CA PHE A 262 1.73 -25.75 -5.68
C PHE A 262 0.32 -25.38 -6.15
N GLU A 263 -0.36 -24.53 -5.38
CA GLU A 263 -1.71 -24.11 -5.72
C GLU A 263 -1.90 -22.66 -5.26
N LYS A 264 -2.28 -21.79 -6.20
CA LYS A 264 -2.47 -20.38 -5.90
C LYS A 264 -3.63 -20.19 -4.91
N ILE A 265 -3.30 -19.94 -3.65
CA ILE A 265 -4.27 -19.68 -2.58
C ILE A 265 -4.72 -18.23 -2.71
N GLY A 266 -5.72 -17.86 -1.90
CA GLY A 266 -6.29 -16.51 -1.94
C GLY A 266 -5.27 -15.40 -1.85
N GLN A 267 -4.54 -15.17 -2.94
CA GLN A 267 -3.68 -14.00 -3.02
C GLN A 267 -4.54 -12.73 -2.96
N GLY A 268 -3.93 -11.64 -2.52
CA GLY A 268 -4.64 -10.39 -2.29
C GLY A 268 -3.89 -9.22 -2.89
N ALA A 269 -3.84 -8.13 -2.12
CA ALA A 269 -3.25 -6.87 -2.58
C ALA A 269 -1.89 -7.09 -3.22
N SER A 270 -0.89 -7.48 -2.42
CA SER A 270 0.44 -7.79 -2.96
C SER A 270 0.31 -8.94 -3.95
N GLY A 271 0.22 -10.17 -3.43
CA GLY A 271 -0.07 -11.34 -4.24
C GLY A 271 1.00 -12.40 -4.14
N THR A 272 0.78 -13.48 -4.89
CA THR A 272 1.68 -14.63 -4.92
C THR A 272 1.67 -15.37 -3.57
N VAL A 273 0.49 -15.80 -3.13
CA VAL A 273 0.34 -16.67 -1.97
C VAL A 273 -0.14 -18.04 -2.47
N TYR A 274 0.54 -19.10 -2.05
CA TYR A 274 0.26 -20.45 -2.54
C TYR A 274 0.29 -21.44 -1.39
N THR A 275 -0.09 -22.68 -1.69
CA THR A 275 0.06 -23.81 -0.77
C THR A 275 0.85 -24.90 -1.44
N ALA A 276 1.51 -25.71 -0.62
CA ALA A 276 2.42 -26.72 -1.13
C ALA A 276 2.44 -27.89 -0.16
N MET A 277 3.34 -28.82 -0.41
CA MET A 277 3.43 -30.05 0.37
C MET A 277 4.89 -30.46 0.41
N ASP A 278 5.50 -30.40 1.60
CA ASP A 278 6.85 -30.94 1.76
C ASP A 278 6.93 -32.33 1.18
N VAL A 279 7.83 -32.52 0.21
CA VAL A 279 7.90 -33.79 -0.50
C VAL A 279 8.32 -34.91 0.45
N ALA A 280 9.25 -34.62 1.36
CA ALA A 280 9.85 -35.67 2.17
C ALA A 280 8.97 -36.05 3.36
N THR A 281 8.28 -35.06 3.96
CA THR A 281 7.50 -35.30 5.16
C THR A 281 6.00 -35.16 4.97
N GLY A 282 5.55 -34.59 3.86
CA GLY A 282 4.13 -34.37 3.63
C GLY A 282 3.55 -33.20 4.38
N GLN A 283 4.39 -32.30 4.89
CA GLN A 283 3.90 -31.15 5.64
C GLN A 283 3.31 -30.09 4.71
N GLU A 284 2.17 -29.54 5.12
CA GLU A 284 1.42 -28.54 4.37
C GLU A 284 1.97 -27.16 4.65
N VAL A 285 2.36 -26.43 3.59
CA VAL A 285 2.99 -25.13 3.77
C VAL A 285 2.27 -24.07 2.92
N ALA A 286 2.50 -22.81 3.31
CA ALA A 286 2.05 -21.63 2.57
C ALA A 286 3.29 -20.85 2.16
N ILE A 287 3.39 -20.55 0.87
CA ILE A 287 4.59 -19.90 0.31
C ILE A 287 4.16 -18.60 -0.36
N LYS A 288 4.86 -17.52 -0.03
CA LYS A 288 4.66 -16.23 -0.68
C LYS A 288 5.87 -15.91 -1.55
N LYS A 298 12.96 -2.23 0.90
CA LYS A 298 13.76 -3.44 1.09
C LYS A 298 14.25 -3.52 2.54
N GLU A 299 14.42 -2.36 3.17
CA GLU A 299 14.87 -2.34 4.56
C GLU A 299 13.88 -3.06 5.47
N LEU A 300 12.57 -2.92 5.18
CA LEU A 300 11.56 -3.55 6.02
C LEU A 300 11.47 -5.04 5.76
N ILE A 301 11.62 -5.46 4.50
CA ILE A 301 11.62 -6.89 4.18
C ILE A 301 12.74 -7.59 4.95
N ILE A 302 13.93 -6.99 4.94
CA ILE A 302 15.07 -7.58 5.64
C ILE A 302 14.75 -7.75 7.11
N ASN A 303 14.26 -6.68 7.75
CA ASN A 303 13.94 -6.75 9.17
C ASN A 303 12.93 -7.86 9.45
N GLU A 304 11.92 -8.00 8.60
CA GLU A 304 10.86 -8.97 8.88
C GLU A 304 11.37 -10.40 8.78
N ILE A 305 12.15 -10.70 7.73
CA ILE A 305 12.72 -12.04 7.60
C ILE A 305 13.59 -12.35 8.81
N LEU A 306 14.50 -11.43 9.14
CA LEU A 306 15.37 -11.63 10.29
C LEU A 306 14.56 -11.86 11.57
N VAL A 307 13.58 -10.98 11.83
CA VAL A 307 12.75 -11.12 13.03
C VAL A 307 12.11 -12.50 13.07
N MET A 308 11.59 -12.96 11.94
CA MET A 308 10.89 -14.25 11.91
C MET A 308 11.85 -15.40 12.24
N ARG A 309 13.05 -15.39 11.65
CA ARG A 309 13.95 -16.52 11.83
C ARG A 309 14.36 -16.68 13.28
N GLU A 310 14.57 -15.57 14.00
CA GLU A 310 15.12 -15.61 15.35
C GLU A 310 14.05 -15.54 16.43
N ASN A 311 12.75 -15.64 16.07
CA ASN A 311 11.67 -15.60 17.04
C ASN A 311 10.59 -16.60 16.64
N LYS A 312 10.90 -17.89 16.82
CA LYS A 312 10.00 -18.98 16.51
C LYS A 312 9.31 -19.47 17.77
N ASN A 313 8.01 -19.75 17.66
CA ASN A 313 7.16 -19.98 18.83
C ASN A 313 5.93 -20.74 18.40
N PRO A 314 5.33 -21.53 19.29
CA PRO A 314 4.08 -22.25 18.91
C PRO A 314 2.93 -21.32 18.60
N ASN A 315 2.91 -20.11 19.16
CA ASN A 315 1.84 -19.15 18.92
C ASN A 315 2.22 -18.13 17.85
N ILE A 316 3.17 -18.45 16.98
CA ILE A 316 3.55 -17.61 15.87
C ILE A 316 3.58 -18.46 14.60
N VAL A 317 2.98 -17.96 13.52
CA VAL A 317 3.03 -18.63 12.23
C VAL A 317 4.49 -18.85 11.87
N ASN A 318 4.94 -20.09 11.96
CA ASN A 318 6.36 -20.39 11.86
C ASN A 318 6.88 -20.17 10.44
N TYR A 319 7.97 -19.42 10.33
CA TYR A 319 8.75 -19.36 9.10
C TYR A 319 9.54 -20.65 8.96
N LEU A 320 9.51 -21.24 7.78
CA LEU A 320 10.15 -22.53 7.54
C LEU A 320 11.39 -22.44 6.67
N ASP A 321 11.38 -21.66 5.60
CA ASP A 321 12.57 -21.51 4.76
C ASP A 321 12.38 -20.35 3.79
N SER A 322 13.51 -19.89 3.25
CA SER A 322 13.56 -18.86 2.23
C SER A 322 14.40 -19.36 1.06
N TYR A 323 14.02 -18.96 -0.15
CA TYR A 323 14.76 -19.34 -1.34
C TYR A 323 14.94 -18.13 -2.25
N LEU A 324 16.05 -18.14 -2.97
CA LEU A 324 16.39 -17.10 -3.95
C LEU A 324 16.58 -17.77 -5.30
N VAL A 325 15.72 -17.43 -6.25
CA VAL A 325 15.85 -17.89 -7.63
C VAL A 325 15.59 -16.69 -8.54
N GLY A 326 16.58 -16.33 -9.35
CA GLY A 326 16.43 -15.21 -10.24
C GLY A 326 16.08 -13.94 -9.51
N ASP A 327 15.13 -13.18 -10.07
CA ASP A 327 14.68 -11.92 -9.48
C ASP A 327 13.71 -12.21 -8.33
N VAL A 331 9.32 -17.16 0.49
CA VAL A 331 9.19 -17.30 1.93
C VAL A 331 8.20 -18.44 2.25
N VAL A 332 8.72 -19.58 2.65
CA VAL A 332 7.85 -20.67 3.09
C VAL A 332 7.46 -20.41 4.54
N MET A 333 6.16 -20.58 4.84
CA MET A 333 5.61 -20.46 6.17
C MET A 333 4.77 -21.70 6.45
N GLU A 334 4.43 -21.92 7.72
CA GLU A 334 3.44 -22.93 8.02
C GLU A 334 2.07 -22.46 7.56
N TYR A 335 1.20 -23.42 7.26
CA TYR A 335 -0.13 -23.15 6.71
C TYR A 335 -1.18 -23.46 7.76
N LEU A 336 -2.11 -22.52 7.95
CA LEU A 336 -3.13 -22.58 8.99
C LEU A 336 -4.49 -22.59 8.30
N ALA A 337 -4.99 -23.79 8.04
CA ALA A 337 -6.17 -23.97 7.20
C ALA A 337 -7.45 -23.41 7.81
N GLY A 338 -7.46 -23.07 9.08
CA GLY A 338 -8.64 -22.51 9.70
C GLY A 338 -8.95 -21.07 9.37
N GLY A 339 -8.09 -20.40 8.62
CA GLY A 339 -8.33 -19.04 8.21
C GLY A 339 -8.00 -18.02 9.29
N SER A 340 -8.41 -16.78 9.03
CA SER A 340 -8.12 -15.67 9.92
C SER A 340 -9.20 -15.52 10.97
N LEU A 341 -8.80 -14.92 12.10
CA LEU A 341 -9.77 -14.57 13.13
C LEU A 341 -10.76 -13.51 12.66
N THR A 342 -10.41 -12.74 11.64
CA THR A 342 -11.36 -11.76 11.10
C THR A 342 -12.60 -12.46 10.56
N ASP A 343 -12.42 -13.58 9.86
CA ASP A 343 -13.57 -14.33 9.35
C ASP A 343 -14.45 -14.85 10.47
N VAL A 344 -13.87 -15.12 11.64
CA VAL A 344 -14.65 -15.58 12.77
C VAL A 344 -15.42 -14.42 13.40
N VAL A 345 -14.75 -13.31 13.67
CA VAL A 345 -15.41 -12.25 14.44
C VAL A 345 -16.46 -11.53 13.61
N THR A 346 -16.32 -11.53 12.28
CA THR A 346 -17.28 -10.84 11.43
C THR A 346 -18.49 -11.70 11.07
N GLU A 347 -18.42 -13.00 11.29
CA GLU A 347 -19.48 -13.91 10.86
C GLU A 347 -20.04 -14.75 11.99
N THR A 348 -19.56 -14.58 13.21
CA THR A 348 -19.98 -15.42 14.34
C THR A 348 -20.00 -14.59 15.60
N CYS A 349 -20.68 -15.11 16.61
CA CYS A 349 -20.74 -14.50 17.94
C CYS A 349 -20.02 -15.46 18.89
N MET A 350 -18.79 -15.11 19.26
CA MET A 350 -18.01 -15.91 20.19
C MET A 350 -18.51 -15.70 21.61
N ASP A 351 -18.46 -16.76 22.41
CA ASP A 351 -18.78 -16.67 23.82
C ASP A 351 -17.52 -16.37 24.62
N GLU A 352 -17.70 -16.07 25.90
CA GLU A 352 -16.60 -15.56 26.71
C GLU A 352 -15.50 -16.60 26.89
N GLY A 353 -15.85 -17.88 26.98
CA GLY A 353 -14.85 -18.92 27.05
C GLY A 353 -14.01 -19.01 25.78
N GLN A 354 -14.65 -18.82 24.62
CA GLN A 354 -13.92 -18.86 23.35
C GLN A 354 -13.02 -17.63 23.21
N ILE A 355 -13.50 -16.47 23.66
CA ILE A 355 -12.70 -15.25 23.62
C ILE A 355 -11.50 -15.38 24.55
N ALA A 356 -11.74 -15.83 25.79
CA ALA A 356 -10.65 -15.97 26.74
C ALA A 356 -9.56 -16.90 26.20
N ALA A 357 -9.95 -17.97 25.52
CA ALA A 357 -8.97 -18.91 24.98
C ALA A 357 -8.11 -18.27 23.90
N VAL A 358 -8.73 -17.50 23.00
CA VAL A 358 -7.95 -16.80 21.98
C VAL A 358 -7.03 -15.77 22.63
N CYS A 359 -7.56 -15.00 23.59
CA CYS A 359 -6.74 -13.98 24.24
C CYS A 359 -5.52 -14.61 24.91
N ARG A 360 -5.69 -15.76 25.55
CA ARG A 360 -4.56 -16.40 26.22
C ARG A 360 -3.47 -16.76 25.20
N GLU A 361 -3.86 -17.42 24.12
CA GLU A 361 -2.88 -17.79 23.11
C GLU A 361 -2.14 -16.58 22.56
N CYS A 362 -2.86 -15.47 22.33
CA CYS A 362 -2.22 -14.27 21.82
C CYS A 362 -1.33 -13.63 22.89
N LEU A 363 -1.77 -13.66 24.15
CA LEU A 363 -0.93 -13.15 25.24
C LEU A 363 0.33 -14.00 25.40
N GLN A 364 0.22 -15.31 25.16
CA GLN A 364 1.41 -16.15 25.14
C GLN A 364 2.35 -15.71 24.03
N ALA A 365 1.82 -15.41 22.85
CA ALA A 365 2.64 -14.90 21.76
C ALA A 365 3.34 -13.60 22.17
N LEU A 366 2.60 -12.68 22.77
CA LEU A 366 3.16 -11.37 23.10
C LEU A 366 4.16 -11.45 24.24
N GLU A 367 3.97 -12.37 25.19
CA GLU A 367 4.97 -12.55 26.23
C GLU A 367 6.30 -13.00 25.63
N PHE A 368 6.24 -13.85 24.60
CA PHE A 368 7.45 -14.36 23.98
C PHE A 368 8.17 -13.26 23.21
N LEU A 369 7.42 -12.51 22.40
CA LEU A 369 8.03 -11.42 21.65
C LEU A 369 8.59 -10.35 22.57
N HIS A 370 7.78 -9.90 23.53
CA HIS A 370 8.20 -8.79 24.40
C HIS A 370 9.43 -9.13 25.22
N SER A 371 9.57 -10.39 25.63
CA SER A 371 10.76 -10.79 26.38
C SER A 371 11.98 -10.88 25.48
N ASN A 372 11.79 -11.04 24.17
CA ASN A 372 12.86 -10.94 23.19
C ASN A 372 12.97 -9.52 22.60
N GLN A 373 12.32 -8.54 23.23
CA GLN A 373 12.42 -7.14 22.82
C GLN A 373 11.98 -6.94 21.38
N VAL A 374 10.89 -7.59 20.98
CA VAL A 374 10.26 -7.37 19.70
C VAL A 374 8.85 -6.88 19.96
N ILE A 375 8.52 -5.69 19.46
CA ILE A 375 7.16 -5.15 19.52
C ILE A 375 6.50 -5.40 18.17
N HIS A 376 5.32 -6.02 18.20
CA HIS A 376 4.64 -6.33 16.95
C HIS A 376 4.12 -5.06 16.27
N ARG A 377 3.35 -4.26 17.00
CA ARG A 377 2.83 -2.95 16.60
C ARG A 377 1.69 -3.01 15.59
N ASN A 378 1.23 -4.19 15.19
CA ASN A 378 0.13 -4.30 14.23
C ASN A 378 -0.78 -5.46 14.59
N ILE A 379 -1.03 -5.64 15.88
CA ILE A 379 -1.94 -6.67 16.34
C ILE A 379 -3.36 -6.31 15.94
N LYS A 380 -4.09 -7.29 15.43
CA LYS A 380 -5.47 -7.15 14.99
C LYS A 380 -5.91 -8.54 14.52
N SER A 381 -7.23 -8.76 14.54
CA SER A 381 -7.77 -10.06 14.15
C SER A 381 -7.27 -10.53 12.77
N ASP A 382 -6.95 -9.60 11.87
CA ASP A 382 -6.51 -9.99 10.54
C ASP A 382 -5.17 -10.71 10.57
N ASN A 383 -4.35 -10.47 11.60
CA ASN A 383 -3.05 -11.11 11.73
C ASN A 383 -3.07 -12.28 12.71
N ILE A 384 -4.26 -12.80 12.99
CA ILE A 384 -4.43 -14.02 13.78
C ILE A 384 -4.95 -15.12 12.86
N LEU A 385 -4.17 -16.19 12.74
CA LEU A 385 -4.54 -17.33 11.92
C LEU A 385 -4.82 -18.54 12.81
N LEU A 386 -5.76 -19.37 12.39
CA LEU A 386 -6.25 -20.48 13.19
C LEU A 386 -5.95 -21.81 12.51
N GLY A 387 -5.54 -22.79 13.30
CA GLY A 387 -5.40 -24.13 12.80
C GLY A 387 -6.71 -24.90 12.83
N MET A 388 -6.77 -25.98 12.04
CA MET A 388 -7.98 -26.79 12.03
C MET A 388 -8.18 -27.51 13.37
N ASP A 389 -7.15 -27.60 14.20
CA ASP A 389 -7.29 -28.13 15.56
C ASP A 389 -7.64 -27.04 16.56
N GLY A 390 -7.79 -25.79 16.10
CA GLY A 390 -8.12 -24.69 16.98
C GLY A 390 -6.95 -23.90 17.53
N SER A 391 -5.74 -24.15 17.03
CA SER A 391 -4.60 -23.37 17.48
C SER A 391 -4.69 -21.94 16.96
N VAL A 392 -4.07 -21.02 17.70
CA VAL A 392 -4.14 -19.59 17.45
C VAL A 392 -2.72 -19.09 17.33
N LYS A 393 -2.35 -18.61 16.14
CA LYS A 393 -1.00 -18.16 15.85
C LYS A 393 -1.03 -16.74 15.30
N LEU A 394 0.05 -16.00 15.54
CA LEU A 394 0.19 -14.60 15.15
C LEU A 394 1.17 -14.48 14.00
N THR A 395 0.84 -13.62 13.02
CA THR A 395 1.69 -13.41 11.85
C THR A 395 1.85 -11.93 11.56
N ASP A 396 2.64 -11.63 10.52
CA ASP A 396 2.90 -10.30 10.00
C ASP A 396 3.80 -9.47 10.90
N PHE A 397 5.12 -9.59 10.71
CA PHE A 397 6.08 -8.79 11.45
C PHE A 397 6.66 -7.66 10.61
N GLY A 398 5.92 -7.21 9.60
CA GLY A 398 6.37 -6.13 8.75
C GLY A 398 6.46 -4.78 9.43
N PHE A 399 5.75 -4.59 10.53
CA PHE A 399 5.70 -3.32 11.23
C PHE A 399 6.44 -3.37 12.56
N CYS A 400 7.10 -4.48 12.87
CA CYS A 400 7.63 -4.71 14.21
C CYS A 400 8.88 -3.89 14.45
N ALA A 401 9.08 -3.51 15.70
CA ALA A 401 10.25 -2.77 16.14
C ALA A 401 11.06 -3.60 17.12
N GLN A 402 12.37 -3.60 16.93
CA GLN A 402 13.32 -4.23 17.85
C GLN A 402 13.92 -3.15 18.73
N ILE A 403 13.82 -3.33 20.04
CA ILE A 403 14.24 -2.34 21.00
C ILE A 403 15.43 -2.87 21.80
N THR A 404 16.04 -1.98 22.58
CA THR A 404 17.23 -2.29 23.37
C THR A 404 17.12 -1.57 24.71
N PRO A 405 17.98 -1.89 25.69
CA PRO A 405 18.01 -1.06 26.90
C PRO A 405 18.51 0.36 26.61
N GLU A 406 19.37 0.52 25.60
CA GLU A 406 19.85 1.85 25.24
C GLU A 406 18.76 2.66 24.55
N GLN A 407 17.92 2.00 23.74
CA GLN A 407 16.74 2.63 23.15
C GLN A 407 15.56 1.68 23.35
N SER A 408 14.79 1.91 24.42
CA SER A 408 13.69 1.05 24.78
C SER A 408 12.35 1.55 24.28
N LYS A 409 12.27 2.77 23.78
CA LYS A 409 11.03 3.36 23.32
C LYS A 409 11.10 3.68 21.83
N ARG A 410 9.92 3.82 21.22
CA ARG A 410 9.76 4.32 19.87
C ARG A 410 8.69 5.41 19.90
N SER A 411 8.60 6.16 18.80
CA SER A 411 7.68 7.30 18.74
C SER A 411 6.89 7.38 17.45
N GLU A 412 6.96 6.35 16.60
CA GLU A 412 6.53 6.46 15.22
C GLU A 412 5.09 6.00 15.05
N MET A 413 4.33 6.76 14.27
CA MET A 413 2.94 6.43 13.95
C MET A 413 2.92 5.26 12.98
N VAL A 414 3.11 4.05 13.51
CA VAL A 414 3.01 2.86 12.69
C VAL A 414 1.95 1.94 13.28
N GLY A 415 1.25 1.22 12.40
CA GLY A 415 0.19 0.32 12.77
C GLY A 415 -1.02 0.54 11.90
N THR A 416 -2.16 0.06 12.38
CA THR A 416 -3.43 0.26 11.72
C THR A 416 -4.34 1.10 12.60
N PRO A 417 -4.88 2.21 12.07
CA PRO A 417 -5.47 3.26 12.92
C PRO A 417 -6.38 2.74 14.02
N TYR A 418 -7.39 1.98 13.61
CA TYR A 418 -8.44 1.55 14.55
C TYR A 418 -7.89 0.77 15.73
N TRP A 419 -6.72 0.17 15.59
CA TRP A 419 -6.12 -0.64 16.65
C TRP A 419 -5.00 0.06 17.40
N MET A 420 -4.59 1.25 16.97
CA MET A 420 -3.41 1.89 17.53
C MET A 420 -3.67 2.44 18.93
N ALA A 421 -2.67 2.29 19.80
CA ALA A 421 -2.76 2.79 21.16
C ALA A 421 -2.76 4.31 21.17
N PRO A 422 -3.25 4.92 22.25
CA PRO A 422 -3.28 6.40 22.27
C PRO A 422 -1.90 7.01 22.19
N GLU A 423 -0.93 6.46 22.92
CA GLU A 423 0.41 7.04 22.93
C GLU A 423 1.12 6.91 21.58
N VAL A 424 0.65 6.02 20.71
CA VAL A 424 1.20 5.95 19.36
C VAL A 424 0.56 7.01 18.47
N VAL A 425 -0.77 7.12 18.53
CA VAL A 425 -1.49 8.10 17.73
C VAL A 425 -0.96 9.51 18.00
N THR A 426 -0.64 9.81 19.25
CA THR A 426 -0.21 11.14 19.64
C THR A 426 1.30 11.30 19.64
N ARG A 427 2.03 10.32 19.12
CA ARG A 427 3.47 10.42 18.91
C ARG A 427 4.23 10.66 20.21
N LYS A 428 3.78 10.02 21.28
CA LYS A 428 4.56 9.94 22.51
C LYS A 428 5.45 8.70 22.45
N ALA A 429 6.53 8.73 23.22
CA ALA A 429 7.40 7.56 23.29
C ALA A 429 6.63 6.39 23.91
N TYR A 430 6.82 5.20 23.36
CA TYR A 430 6.00 4.05 23.74
C TYR A 430 6.85 2.79 23.74
N GLY A 431 6.29 1.74 24.35
CA GLY A 431 6.97 0.47 24.47
C GLY A 431 6.07 -0.73 24.18
N PRO A 432 6.43 -1.88 24.73
CA PRO A 432 5.70 -3.12 24.37
C PRO A 432 4.20 -3.07 24.59
N LYS A 433 3.72 -2.21 25.49
CA LYS A 433 2.31 -2.25 25.89
C LYS A 433 1.37 -1.66 24.85
N VAL A 434 1.90 -1.15 23.73
CA VAL A 434 1.00 -0.78 22.64
C VAL A 434 0.37 -2.04 22.05
N ASP A 435 1.09 -3.17 22.13
CA ASP A 435 0.50 -4.45 21.71
C ASP A 435 -0.62 -4.88 22.64
N ILE A 436 -0.51 -4.58 23.94
CA ILE A 436 -1.59 -4.92 24.86
C ILE A 436 -2.86 -4.17 24.48
N TRP A 437 -2.73 -2.86 24.24
CA TRP A 437 -3.87 -2.08 23.80
C TRP A 437 -4.50 -2.71 22.56
N SER A 438 -3.68 -3.01 21.56
CA SER A 438 -4.21 -3.57 20.31
C SER A 438 -4.89 -4.90 20.53
N LEU A 439 -4.43 -5.68 21.52
CA LEU A 439 -5.14 -6.91 21.86
C LEU A 439 -6.51 -6.59 22.44
N GLY A 440 -6.60 -5.56 23.29
CA GLY A 440 -7.89 -5.17 23.84
C GLY A 440 -8.86 -4.75 22.76
N ILE A 441 -8.37 -4.01 21.75
CA ILE A 441 -9.22 -3.69 20.61
C ILE A 441 -9.66 -4.96 19.88
N MET A 442 -8.75 -5.93 19.78
CA MET A 442 -9.13 -7.20 19.16
C MET A 442 -10.17 -7.93 19.99
N ALA A 443 -10.13 -7.80 21.32
CA ALA A 443 -11.20 -8.36 22.14
C ALA A 443 -12.53 -7.69 21.82
N ILE A 444 -12.52 -6.37 21.62
CA ILE A 444 -13.74 -5.66 21.25
C ILE A 444 -14.25 -6.18 19.90
N GLU A 445 -13.33 -6.46 18.97
CA GLU A 445 -13.72 -7.14 17.74
C GLU A 445 -14.48 -8.43 18.04
N MET A 446 -13.95 -9.23 18.96
CA MET A 446 -14.60 -10.49 19.31
C MET A 446 -15.95 -10.26 19.98
N ILE A 447 -16.12 -9.13 20.67
CA ILE A 447 -17.40 -8.82 21.31
C ILE A 447 -18.38 -8.25 20.31
N GLU A 448 -17.98 -7.20 19.59
CA GLU A 448 -18.89 -6.40 18.77
C GLU A 448 -18.77 -6.67 17.28
N GLY A 449 -17.75 -7.39 16.85
CA GLY A 449 -17.53 -7.68 15.44
C GLY A 449 -16.63 -6.69 14.72
N GLU A 450 -16.34 -5.55 15.32
CA GLU A 450 -15.60 -4.47 14.68
C GLU A 450 -14.83 -3.75 15.77
N PRO A 451 -13.65 -3.22 15.45
CA PRO A 451 -13.00 -2.29 16.38
C PRO A 451 -13.77 -0.99 16.46
N PRO A 452 -13.59 -0.20 17.52
CA PRO A 452 -14.31 1.07 17.60
C PRO A 452 -14.01 1.97 16.40
N TYR A 453 -15.04 2.69 15.97
CA TYR A 453 -14.96 3.75 14.96
C TYR A 453 -14.80 3.23 13.54
N LEU A 454 -14.85 1.92 13.32
CA LEU A 454 -14.61 1.40 11.97
C LEU A 454 -15.49 2.07 10.92
N ASN A 455 -16.63 2.64 11.31
CA ASN A 455 -17.45 3.36 10.34
C ASN A 455 -16.82 4.69 9.95
N GLU A 456 -16.03 5.27 10.85
CA GLU A 456 -15.32 6.50 10.55
C GLU A 456 -14.20 6.24 9.54
N ASN A 457 -13.55 7.31 9.11
CA ASN A 457 -12.40 7.16 8.23
C ASN A 457 -11.13 7.06 9.03
N PRO A 458 -10.10 6.46 8.46
CA PRO A 458 -8.87 6.19 9.21
C PRO A 458 -8.33 7.39 9.96
N LEU A 459 -8.40 8.57 9.34
CA LEU A 459 -7.91 9.78 9.97
C LEU A 459 -8.87 10.28 11.03
N ARG A 460 -10.18 10.25 10.75
CA ARG A 460 -11.14 10.60 11.79
C ARG A 460 -11.01 9.66 12.98
N ALA A 461 -10.70 8.39 12.72
CA ALA A 461 -10.58 7.42 13.81
C ALA A 461 -9.38 7.73 14.69
N LEU A 462 -8.29 8.23 14.10
CA LEU A 462 -7.12 8.61 14.90
C LEU A 462 -7.46 9.75 15.86
N TYR A 463 -8.13 10.79 15.35
CA TYR A 463 -8.52 11.90 16.22
C TYR A 463 -9.40 11.41 17.36
N LEU A 464 -10.31 10.48 17.07
CA LEU A 464 -11.19 9.98 18.12
C LEU A 464 -10.43 9.17 19.17
N ILE A 465 -9.38 8.46 18.77
CA ILE A 465 -8.56 7.74 19.74
C ILE A 465 -7.75 8.72 20.58
N ALA A 466 -7.24 9.78 19.96
CA ALA A 466 -6.48 10.77 20.69
C ALA A 466 -7.34 11.53 21.69
N THR A 467 -8.64 11.65 21.42
CA THR A 467 -9.50 12.53 22.22
C THR A 467 -10.48 11.79 23.12
N ASN A 468 -10.73 10.50 22.88
CA ASN A 468 -11.57 9.71 23.77
C ASN A 468 -10.77 8.84 24.71
N GLY A 469 -9.59 8.39 24.30
CA GLY A 469 -8.84 7.44 25.08
C GLY A 469 -9.47 6.07 25.08
N THR A 470 -9.83 5.57 26.26
CA THR A 470 -10.41 4.24 26.38
C THR A 470 -11.77 4.21 25.69
N PRO A 471 -11.97 3.35 24.69
CA PRO A 471 -13.26 3.35 23.98
C PRO A 471 -14.40 2.78 24.81
N GLU A 472 -15.61 3.14 24.40
CA GLU A 472 -16.84 2.70 25.07
C GLU A 472 -17.45 1.53 24.31
N LEU A 473 -17.69 0.43 25.01
CA LEU A 473 -18.50 -0.64 24.45
C LEU A 473 -19.93 -0.13 24.25
N GLN A 474 -20.57 -0.57 23.16
CA GLN A 474 -21.96 -0.19 22.93
C GLN A 474 -22.88 -0.79 23.98
N ASN A 475 -22.53 -1.96 24.51
CA ASN A 475 -23.42 -2.74 25.38
C ASN A 475 -22.61 -3.39 26.48
N PRO A 476 -21.98 -2.59 27.34
CA PRO A 476 -21.12 -3.15 28.39
C PRO A 476 -21.83 -4.12 29.30
N GLU A 477 -23.13 -3.94 29.52
CA GLU A 477 -23.88 -4.75 30.48
C GLU A 477 -24.02 -6.21 30.06
N LYS A 478 -23.64 -6.55 28.83
CA LYS A 478 -23.71 -7.94 28.38
C LYS A 478 -22.51 -8.77 28.80
N LEU A 479 -21.49 -8.14 29.40
CA LEU A 479 -20.25 -8.82 29.73
C LEU A 479 -20.18 -9.10 31.23
N SER A 480 -19.59 -10.23 31.58
CA SER A 480 -19.29 -10.49 32.98
C SER A 480 -18.37 -9.41 33.51
N ALA A 481 -18.46 -9.14 34.81
CA ALA A 481 -17.60 -8.14 35.41
C ALA A 481 -16.13 -8.51 35.26
N ILE A 482 -15.82 -9.81 35.17
CA ILE A 482 -14.43 -10.22 35.05
C ILE A 482 -13.89 -9.96 33.65
N PHE A 483 -14.70 -10.19 32.62
CA PHE A 483 -14.31 -9.79 31.26
C PHE A 483 -14.18 -8.27 31.17
N ARG A 484 -15.17 -7.55 31.69
CA ARG A 484 -15.05 -6.10 31.76
C ARG A 484 -13.75 -5.67 32.41
N ASP A 485 -13.33 -6.40 33.46
CA ASP A 485 -12.10 -6.05 34.16
C ASP A 485 -10.88 -6.32 33.30
N PHE A 486 -10.83 -7.50 32.68
CA PHE A 486 -9.72 -7.82 31.77
C PHE A 486 -9.60 -6.76 30.67
N LEU A 487 -10.74 -6.37 30.08
CA LEU A 487 -10.71 -5.37 29.02
C LEU A 487 -10.18 -4.03 29.54
N ASN A 488 -10.53 -3.66 30.78
CA ASN A 488 -10.15 -2.37 31.32
C ASN A 488 -8.65 -2.31 31.61
N ARG A 489 -8.02 -3.45 31.91
CA ARG A 489 -6.58 -3.45 32.12
C ARG A 489 -5.79 -3.54 30.82
N CYS A 490 -6.44 -3.94 29.73
CA CYS A 490 -5.80 -3.90 28.42
C CYS A 490 -5.85 -2.50 27.83
N LEU A 491 -6.91 -1.74 28.09
CA LEU A 491 -7.17 -0.45 27.47
C LEU A 491 -6.99 0.69 28.46
N GLU A 492 -6.12 0.50 29.46
CA GLU A 492 -5.80 1.56 30.40
C GLU A 492 -5.02 2.67 29.71
N MET A 493 -5.47 3.91 29.90
CA MET A 493 -4.77 5.05 29.34
C MET A 493 -3.36 5.17 29.91
N ASP A 494 -3.21 4.89 31.19
CA ASP A 494 -1.92 4.98 31.88
C ASP A 494 -1.09 3.76 31.54
N VAL A 495 -0.04 3.97 30.72
CA VAL A 495 0.85 2.88 30.34
C VAL A 495 1.37 2.16 31.57
N GLU A 496 1.67 2.91 32.64
CA GLU A 496 2.15 2.29 33.88
C GLU A 496 1.08 1.39 34.48
N LYS A 497 -0.18 1.79 34.38
CA LYS A 497 -1.29 1.03 34.95
C LYS A 497 -1.81 -0.03 33.99
N ARG A 498 -1.46 0.04 32.71
CA ARG A 498 -1.89 -0.96 31.75
C ARG A 498 -1.13 -2.26 31.97
N GLY A 499 -1.83 -3.38 31.83
CA GLY A 499 -1.22 -4.66 32.13
C GLY A 499 -0.18 -5.06 31.10
N SER A 500 0.89 -5.69 31.59
CA SER A 500 1.85 -6.33 30.70
C SER A 500 1.31 -7.69 30.25
N ALA A 501 1.96 -8.27 29.24
CA ALA A 501 1.55 -9.59 28.78
C ALA A 501 1.69 -10.61 29.89
N LYS A 502 2.79 -10.55 30.64
CA LYS A 502 3.00 -11.48 31.75
C LYS A 502 1.92 -11.32 32.81
N GLU A 503 1.59 -10.08 33.16
CA GLU A 503 0.62 -9.85 34.22
C GLU A 503 -0.78 -10.27 33.79
N LEU A 504 -1.12 -10.10 32.52
CA LEU A 504 -2.45 -10.43 32.05
C LEU A 504 -2.64 -11.93 31.84
N LEU A 505 -1.56 -12.69 31.62
CA LEU A 505 -1.70 -14.14 31.57
C LEU A 505 -2.19 -14.71 32.90
N GLN A 506 -2.11 -13.93 33.98
CA GLN A 506 -2.59 -14.34 35.29
C GLN A 506 -3.98 -13.80 35.60
N HIS A 507 -4.59 -13.04 34.70
CA HIS A 507 -5.89 -12.45 34.97
C HIS A 507 -6.97 -13.54 35.08
N GLN A 508 -7.98 -13.26 35.90
CA GLN A 508 -9.01 -14.26 36.19
C GLN A 508 -9.86 -14.56 34.96
N PHE A 509 -10.08 -13.57 34.09
CA PHE A 509 -10.84 -13.82 32.87
C PHE A 509 -10.31 -15.03 32.12
N LEU A 510 -8.98 -15.19 32.09
CA LEU A 510 -8.37 -16.31 31.38
C LEU A 510 -8.66 -17.65 32.04
N LYS A 511 -9.16 -17.67 33.27
CA LYS A 511 -9.46 -18.94 33.94
C LYS A 511 -10.70 -19.59 33.39
N ILE A 512 -11.55 -18.85 32.68
CA ILE A 512 -12.77 -19.45 32.16
C ILE A 512 -12.57 -19.88 30.70
N ALA A 513 -11.35 -19.79 30.21
CA ALA A 513 -11.08 -20.16 28.81
C ALA A 513 -11.49 -21.60 28.54
N LYS A 514 -12.16 -21.82 27.41
CA LYS A 514 -12.48 -23.15 26.93
C LYS A 514 -11.26 -23.77 26.24
N PRO A 515 -11.22 -25.09 26.12
CA PRO A 515 -10.16 -25.71 25.31
C PRO A 515 -10.24 -25.24 23.87
N LEU A 516 -9.09 -25.32 23.18
CA LEU A 516 -9.00 -24.80 21.82
C LEU A 516 -9.89 -25.57 20.84
N SER A 517 -10.23 -26.82 21.15
CA SER A 517 -11.19 -27.53 20.31
C SER A 517 -12.49 -26.76 20.17
N SER A 518 -12.83 -25.96 21.17
CA SER A 518 -14.08 -25.20 21.14
C SER A 518 -14.11 -24.17 20.02
N LEU A 519 -13.01 -23.95 19.32
CA LEU A 519 -12.96 -22.97 18.24
C LEU A 519 -13.25 -23.55 16.88
N THR A 520 -13.27 -24.88 16.72
CA THR A 520 -13.45 -25.45 15.40
C THR A 520 -14.89 -25.24 14.90
N PRO A 521 -15.90 -25.28 15.77
CA PRO A 521 -17.25 -24.89 15.29
C PRO A 521 -17.26 -23.49 14.72
N LEU A 522 -16.53 -22.56 15.33
CA LEU A 522 -16.44 -21.20 14.80
C LEU A 522 -15.79 -21.21 13.42
N ILE A 523 -14.73 -22.00 13.24
CA ILE A 523 -14.07 -22.06 11.94
C ILE A 523 -15.03 -22.56 10.87
N ALA A 524 -15.75 -23.64 11.18
CA ALA A 524 -16.72 -24.17 10.21
C ALA A 524 -17.78 -23.13 9.87
N ALA A 525 -18.27 -22.39 10.88
CA ALA A 525 -19.24 -21.34 10.63
C ALA A 525 -18.65 -20.28 9.70
N ALA A 526 -17.42 -19.86 9.96
CA ALA A 526 -16.79 -18.83 9.15
C ALA A 526 -16.62 -19.29 7.71
N LYS A 527 -16.15 -20.52 7.50
CA LYS A 527 -16.02 -21.04 6.14
C LYS A 527 -17.37 -21.04 5.44
N GLU A 528 -18.40 -21.56 6.11
CA GLU A 528 -19.73 -21.56 5.54
C GLU A 528 -20.19 -20.15 5.19
N ALA A 529 -19.95 -19.19 6.09
CA ALA A 529 -20.38 -17.82 5.86
C ALA A 529 -19.69 -17.21 4.65
N THR A 530 -18.44 -17.57 4.42
CA THR A 530 -17.69 -17.12 3.24
C THR A 530 -18.45 -17.43 1.97
N LEU B 243 -17.20 -11.40 -26.07
CA LEU B 243 -15.96 -11.73 -26.77
C LEU B 243 -16.02 -11.22 -28.20
N GLU B 244 -17.24 -11.04 -28.73
CA GLU B 244 -17.39 -10.46 -30.06
C GLU B 244 -16.96 -9.00 -30.08
N LYS B 245 -17.16 -8.28 -28.97
CA LYS B 245 -16.57 -6.95 -28.84
C LYS B 245 -15.07 -7.03 -28.63
N LEU B 246 -14.60 -8.07 -27.95
CA LEU B 246 -13.16 -8.32 -27.88
C LEU B 246 -12.59 -8.56 -29.26
N ARG B 247 -13.36 -9.23 -30.13
CA ARG B 247 -12.97 -9.40 -31.53
C ARG B 247 -13.13 -8.12 -32.34
N SER B 248 -13.83 -7.13 -31.81
CA SER B 248 -14.00 -5.86 -32.50
C SER B 248 -12.86 -4.89 -32.22
N ILE B 249 -12.05 -5.14 -31.20
CA ILE B 249 -10.93 -4.29 -30.86
C ILE B 249 -9.60 -4.89 -31.32
N VAL B 250 -9.44 -6.21 -31.15
CA VAL B 250 -8.20 -6.83 -31.56
C VAL B 250 -7.97 -6.59 -33.03
N SER B 251 -6.71 -6.62 -33.43
CA SER B 251 -6.32 -6.38 -34.80
C SER B 251 -6.11 -7.71 -35.52
N VAL B 252 -6.12 -7.63 -36.85
CA VAL B 252 -5.76 -8.78 -37.68
C VAL B 252 -4.25 -8.77 -37.83
N GLY B 253 -3.62 -9.83 -37.38
CA GLY B 253 -2.18 -9.94 -37.48
C GLY B 253 -1.60 -10.77 -36.35
N ASP B 254 -0.44 -11.36 -36.63
CA ASP B 254 0.35 -12.06 -35.62
C ASP B 254 1.33 -11.03 -35.05
N PRO B 255 1.21 -10.64 -33.78
CA PRO B 255 2.11 -9.58 -33.28
C PRO B 255 3.52 -10.07 -33.11
N LYS B 256 3.72 -11.40 -33.05
CA LYS B 256 5.05 -11.97 -33.07
C LYS B 256 5.77 -11.69 -34.39
N LYS B 257 5.02 -11.45 -35.46
CA LYS B 257 5.61 -11.15 -36.76
C LYS B 257 5.76 -9.65 -36.98
N LYS B 258 4.85 -8.85 -36.43
CA LYS B 258 4.89 -7.42 -36.66
C LYS B 258 5.88 -6.70 -35.75
N TYR B 259 6.37 -7.35 -34.68
CA TYR B 259 7.25 -6.74 -33.72
C TYR B 259 8.43 -7.65 -33.42
N THR B 260 9.56 -7.04 -33.03
CA THR B 260 10.76 -7.80 -32.72
C THR B 260 11.45 -7.17 -31.51
N ARG B 261 12.57 -7.76 -31.10
CA ARG B 261 13.41 -7.24 -30.02
C ARG B 261 12.62 -7.11 -28.73
N PHE B 262 11.85 -8.15 -28.41
CA PHE B 262 11.06 -8.14 -27.19
C PHE B 262 11.98 -8.14 -25.97
N GLU B 263 11.86 -7.13 -25.13
CA GLU B 263 12.64 -6.99 -23.91
C GLU B 263 11.71 -6.69 -22.76
N LYS B 264 11.70 -7.54 -21.74
CA LYS B 264 10.80 -7.38 -20.61
C LYS B 264 11.26 -6.26 -19.68
N ILE B 265 10.31 -5.49 -19.19
CA ILE B 265 10.61 -4.38 -18.29
C ILE B 265 9.52 -4.25 -17.24
N SER B 270 -1.24 -6.67 -13.29
CA SER B 270 -2.08 -6.63 -14.48
C SER B 270 -1.34 -7.13 -15.72
N GLY B 271 -0.23 -7.81 -15.53
CA GLY B 271 0.48 -8.47 -16.60
C GLY B 271 1.86 -7.89 -16.84
N THR B 272 2.61 -8.60 -17.68
CA THR B 272 3.99 -8.27 -18.02
C THR B 272 4.04 -7.16 -19.07
N VAL B 273 5.18 -6.46 -19.10
CA VAL B 273 5.39 -5.33 -19.99
C VAL B 273 6.71 -5.53 -20.73
N TYR B 274 6.64 -5.67 -22.06
CA TYR B 274 7.82 -5.73 -22.90
C TYR B 274 8.00 -4.42 -23.64
N THR B 275 9.25 -4.14 -24.03
CA THR B 275 9.54 -3.20 -25.11
C THR B 275 9.81 -3.99 -26.38
N ALA B 276 9.36 -3.47 -27.50
CA ALA B 276 9.53 -4.13 -28.79
C ALA B 276 9.60 -3.05 -29.85
N MET B 277 9.73 -3.47 -31.10
CA MET B 277 9.93 -2.53 -32.19
C MET B 277 9.14 -2.99 -33.41
N ASP B 278 8.37 -2.06 -33.97
CA ASP B 278 7.61 -2.34 -35.18
C ASP B 278 8.57 -2.67 -36.32
N VAL B 279 8.39 -3.85 -36.90
CA VAL B 279 9.31 -4.33 -37.94
C VAL B 279 9.22 -3.48 -39.19
N ALA B 280 8.04 -2.90 -39.47
CA ALA B 280 7.84 -2.21 -40.74
C ALA B 280 8.31 -0.76 -40.69
N THR B 281 8.13 -0.09 -39.56
CA THR B 281 8.48 1.33 -39.43
C THR B 281 9.61 1.59 -38.45
N GLY B 282 9.96 0.62 -37.61
CA GLY B 282 10.99 0.83 -36.62
C GLY B 282 10.56 1.61 -35.40
N GLN B 283 9.25 1.84 -35.21
CA GLN B 283 8.78 2.55 -34.04
C GLN B 283 8.93 1.68 -32.80
N GLU B 284 9.49 2.25 -31.73
CA GLU B 284 9.54 1.55 -30.45
C GLU B 284 8.16 1.55 -29.82
N VAL B 285 7.76 0.40 -29.26
CA VAL B 285 6.46 0.23 -28.64
C VAL B 285 6.64 -0.43 -27.28
N ALA B 286 5.64 -0.25 -26.44
CA ALA B 286 5.52 -0.96 -25.16
C ALA B 286 4.29 -1.86 -25.25
N ILE B 287 4.47 -3.13 -24.90
CA ILE B 287 3.42 -4.13 -25.05
C ILE B 287 3.13 -4.74 -23.69
N LYS B 288 1.87 -4.65 -23.28
CA LYS B 288 1.38 -5.23 -22.03
C LYS B 288 0.64 -6.51 -22.37
N GLN B 289 0.97 -7.60 -21.68
CA GLN B 289 0.38 -8.91 -21.93
C GLN B 289 -0.41 -9.35 -20.71
N MET B 290 -1.67 -9.73 -20.92
CA MET B 290 -2.59 -10.02 -19.84
C MET B 290 -3.37 -11.29 -20.14
N ASN B 291 -3.40 -12.20 -19.16
CA ASN B 291 -4.20 -13.42 -19.27
C ASN B 291 -5.63 -13.10 -18.87
N LEU B 292 -6.54 -13.13 -19.85
CA LEU B 292 -7.93 -12.81 -19.57
C LEU B 292 -8.59 -13.86 -18.68
N GLN B 293 -8.20 -15.12 -18.81
CA GLN B 293 -8.80 -16.20 -18.03
C GLN B 293 -8.10 -16.33 -16.67
N LYS B 297 -11.39 -9.51 -14.35
CA LYS B 297 -12.43 -8.50 -14.56
C LYS B 297 -12.48 -8.10 -16.03
N LYS B 298 -12.78 -9.06 -16.90
CA LYS B 298 -12.77 -8.85 -18.34
C LYS B 298 -13.45 -7.54 -18.73
N GLU B 299 -14.76 -7.45 -18.50
CA GLU B 299 -15.56 -6.40 -19.13
C GLU B 299 -14.97 -5.02 -18.98
N LEU B 300 -14.24 -4.75 -17.88
CA LEU B 300 -13.62 -3.45 -17.74
C LEU B 300 -12.45 -3.28 -18.71
N ILE B 301 -11.62 -4.32 -18.83
CA ILE B 301 -10.47 -4.26 -19.73
C ILE B 301 -10.92 -3.88 -21.13
N ILE B 302 -11.97 -4.53 -21.62
CA ILE B 302 -12.40 -4.29 -23.00
C ILE B 302 -12.96 -2.89 -23.15
N ASN B 303 -13.81 -2.45 -22.21
CA ASN B 303 -14.36 -1.11 -22.27
C ASN B 303 -13.25 -0.07 -22.31
N GLU B 304 -12.24 -0.23 -21.45
CA GLU B 304 -11.14 0.73 -21.42
C GLU B 304 -10.42 0.79 -22.76
N ILE B 305 -10.10 -0.37 -23.34
CA ILE B 305 -9.47 -0.39 -24.65
C ILE B 305 -10.30 0.40 -25.65
N LEU B 306 -11.63 0.27 -25.57
CA LEU B 306 -12.51 0.94 -26.52
C LEU B 306 -12.44 2.46 -26.35
N VAL B 307 -12.43 2.94 -25.12
CA VAL B 307 -12.43 4.39 -24.91
C VAL B 307 -11.06 4.98 -25.21
N MET B 308 -9.98 4.23 -24.95
CA MET B 308 -8.65 4.71 -25.27
C MET B 308 -8.51 5.03 -26.75
N ARG B 309 -8.96 4.10 -27.60
CA ARG B 309 -8.71 4.21 -29.04
C ARG B 309 -9.46 5.40 -29.66
N GLU B 310 -10.55 5.84 -29.04
CA GLU B 310 -11.31 6.99 -29.57
C GLU B 310 -10.81 8.31 -29.01
N ASN B 311 -10.33 8.33 -27.76
CA ASN B 311 -9.92 9.57 -27.11
C ASN B 311 -8.39 9.65 -27.06
N LYS B 312 -7.82 9.79 -28.25
CA LYS B 312 -6.40 10.09 -28.39
C LYS B 312 -6.14 11.54 -27.95
N ASN B 313 -4.89 11.81 -27.57
CA ASN B 313 -4.51 13.19 -27.27
C ASN B 313 -2.99 13.26 -27.23
N PRO B 314 -2.38 14.34 -27.75
CA PRO B 314 -0.92 14.35 -27.88
C PRO B 314 -0.18 14.38 -26.55
N ASN B 315 -0.84 14.66 -25.44
CA ASN B 315 -0.18 14.68 -24.14
C ASN B 315 -0.56 13.47 -23.27
N ILE B 316 -0.96 12.37 -23.91
CA ILE B 316 -1.28 11.13 -23.22
C ILE B 316 -0.60 9.98 -23.96
N VAL B 317 0.07 9.09 -23.21
CA VAL B 317 0.67 7.92 -23.83
C VAL B 317 -0.41 7.18 -24.61
N ASN B 318 -0.26 7.10 -25.93
CA ASN B 318 -1.37 6.78 -26.82
C ASN B 318 -1.38 5.32 -27.23
N TYR B 319 -2.55 4.70 -27.15
CA TYR B 319 -2.79 3.35 -27.62
C TYR B 319 -2.53 3.25 -29.12
N LEU B 320 -1.94 2.12 -29.52
CA LEU B 320 -1.70 1.82 -30.93
C LEU B 320 -2.57 0.69 -31.44
N ASP B 321 -2.56 -0.46 -30.76
CA ASP B 321 -3.25 -1.66 -31.24
C ASP B 321 -3.34 -2.64 -30.08
N SER B 322 -4.15 -3.67 -30.27
CA SER B 322 -4.20 -4.80 -29.34
C SER B 322 -4.42 -6.07 -30.15
N TYR B 323 -4.00 -7.20 -29.58
CA TYR B 323 -4.02 -8.47 -30.27
C TYR B 323 -4.47 -9.58 -29.33
N LEU B 324 -5.25 -10.51 -29.85
CA LEU B 324 -5.64 -11.72 -29.11
C LEU B 324 -4.60 -12.79 -29.43
N VAL B 325 -3.67 -13.00 -28.50
CA VAL B 325 -2.55 -13.92 -28.66
C VAL B 325 -2.84 -15.11 -27.77
N GLY B 326 -3.31 -16.20 -28.36
CA GLY B 326 -3.65 -17.39 -27.62
C GLY B 326 -4.63 -17.09 -26.50
N ASP B 327 -4.17 -17.24 -25.26
CA ASP B 327 -5.02 -17.04 -24.09
C ASP B 327 -4.92 -15.65 -23.51
N GLU B 328 -3.99 -14.83 -23.99
CA GLU B 328 -3.73 -13.51 -23.40
C GLU B 328 -3.96 -12.41 -24.40
N LEU B 329 -4.20 -11.22 -23.87
CA LEU B 329 -4.44 -10.02 -24.65
C LEU B 329 -3.19 -9.16 -24.62
N TRP B 330 -2.73 -8.72 -25.78
CA TRP B 330 -1.61 -7.81 -25.89
C TRP B 330 -2.13 -6.41 -26.21
N VAL B 331 -1.75 -5.43 -25.42
CA VAL B 331 -2.07 -4.03 -25.66
C VAL B 331 -0.78 -3.31 -26.01
N VAL B 332 -0.77 -2.62 -27.15
CA VAL B 332 0.43 -2.01 -27.70
C VAL B 332 0.31 -0.50 -27.54
N MET B 333 1.29 0.08 -26.84
CA MET B 333 1.37 1.52 -26.67
C MET B 333 2.65 2.05 -27.30
N GLU B 334 2.66 3.34 -27.60
CA GLU B 334 3.90 4.00 -27.97
C GLU B 334 4.88 3.92 -26.81
N TYR B 335 6.16 3.74 -27.12
CA TYR B 335 7.21 3.74 -26.12
C TYR B 335 7.84 5.12 -26.09
N LEU B 336 7.90 5.73 -24.90
CA LEU B 336 8.59 6.99 -24.68
C LEU B 336 9.92 6.66 -24.02
N ALA B 337 11.01 6.86 -24.75
CA ALA B 337 12.33 6.42 -24.33
C ALA B 337 13.05 7.43 -23.45
N GLY B 338 12.47 8.61 -23.25
CA GLY B 338 13.09 9.59 -22.38
C GLY B 338 13.00 9.26 -20.90
N GLY B 339 12.24 8.24 -20.55
CA GLY B 339 12.09 7.87 -19.16
C GLY B 339 11.03 8.71 -18.47
N SER B 340 11.08 8.70 -17.14
CA SER B 340 10.11 9.35 -16.29
C SER B 340 10.64 10.69 -15.78
N LEU B 341 9.70 11.56 -15.41
CA LEU B 341 10.07 12.84 -14.80
C LEU B 341 10.86 12.62 -13.52
N THR B 342 10.56 11.54 -12.79
CA THR B 342 11.27 11.27 -11.54
C THR B 342 12.77 11.23 -11.74
N ASP B 343 13.22 10.53 -12.78
CA ASP B 343 14.65 10.45 -13.05
C ASP B 343 15.22 11.83 -13.33
N VAL B 344 14.49 12.64 -14.10
CA VAL B 344 14.94 14.00 -14.38
C VAL B 344 15.02 14.80 -13.08
N VAL B 345 13.98 14.68 -12.25
CA VAL B 345 13.92 15.50 -11.05
C VAL B 345 15.01 15.14 -10.06
N THR B 346 15.38 13.85 -9.99
CA THR B 346 16.35 13.43 -9.00
C THR B 346 17.80 13.65 -9.43
N GLU B 347 18.07 13.72 -10.73
CA GLU B 347 19.43 13.82 -11.22
C GLU B 347 19.78 15.21 -11.75
N THR B 348 18.81 16.11 -11.90
CA THR B 348 19.06 17.45 -12.40
C THR B 348 18.38 18.46 -11.48
N CYS B 349 18.74 19.73 -11.66
CA CYS B 349 18.03 20.86 -11.06
C CYS B 349 17.27 21.58 -12.18
N MET B 350 15.98 21.31 -12.29
CA MET B 350 15.15 21.99 -13.28
C MET B 350 14.97 23.45 -12.90
N ASP B 351 15.09 24.33 -13.89
CA ASP B 351 14.80 25.73 -13.64
C ASP B 351 13.32 26.01 -13.93
N GLU B 352 12.85 27.16 -13.44
CA GLU B 352 11.43 27.47 -13.50
C GLU B 352 10.88 27.43 -14.92
N GLY B 353 11.70 27.81 -15.91
CA GLY B 353 11.24 27.75 -17.28
C GLY B 353 10.94 26.32 -17.74
N GLN B 354 11.76 25.37 -17.33
CA GLN B 354 11.52 23.98 -17.69
C GLN B 354 10.35 23.41 -16.90
N ILE B 355 10.18 23.85 -15.66
CA ILE B 355 9.02 23.43 -14.87
C ILE B 355 7.74 23.95 -15.50
N ALA B 356 7.72 25.23 -15.87
CA ALA B 356 6.52 25.78 -16.50
C ALA B 356 6.15 25.00 -17.75
N ALA B 357 7.15 24.57 -18.53
CA ALA B 357 6.87 23.80 -19.73
C ALA B 357 6.17 22.48 -19.38
N VAL B 358 6.72 21.75 -18.40
CA VAL B 358 6.10 20.47 -18.01
C VAL B 358 4.70 20.70 -17.48
N CYS B 359 4.51 21.75 -16.69
CA CYS B 359 3.20 22.01 -16.12
C CYS B 359 2.18 22.29 -17.21
N ARG B 360 2.54 23.10 -18.21
CA ARG B 360 1.62 23.40 -19.30
C ARG B 360 1.17 22.10 -19.97
N GLU B 361 2.12 21.23 -20.32
CA GLU B 361 1.77 19.99 -21.00
C GLU B 361 0.88 19.12 -20.14
N CYS B 362 1.18 19.00 -18.85
CA CYS B 362 0.32 18.23 -17.96
C CYS B 362 -1.07 18.85 -17.84
N LEU B 363 -1.15 20.19 -17.81
CA LEU B 363 -2.45 20.84 -17.72
C LEU B 363 -3.26 20.64 -19.00
N GLN B 364 -2.60 20.58 -20.16
CA GLN B 364 -3.32 20.27 -21.39
C GLN B 364 -3.90 18.87 -21.34
N ALA B 365 -3.13 17.89 -20.85
CA ALA B 365 -3.67 16.55 -20.72
C ALA B 365 -4.87 16.54 -19.78
N LEU B 366 -4.77 17.25 -18.65
CA LEU B 366 -5.84 17.23 -17.67
C LEU B 366 -7.10 17.91 -18.20
N GLU B 367 -6.93 18.99 -18.98
CA GLU B 367 -8.09 19.62 -19.59
C GLU B 367 -8.81 18.65 -20.51
N PHE B 368 -8.05 17.93 -21.34
CA PHE B 368 -8.66 16.91 -22.19
C PHE B 368 -9.40 15.87 -21.36
N LEU B 369 -8.70 15.25 -20.41
CA LEU B 369 -9.31 14.22 -19.58
C LEU B 369 -10.52 14.76 -18.82
N HIS B 370 -10.37 15.89 -18.16
CA HIS B 370 -11.47 16.44 -17.37
C HIS B 370 -12.66 16.83 -18.24
N SER B 371 -12.42 17.14 -19.52
CA SER B 371 -13.56 17.45 -20.39
C SER B 371 -14.35 16.19 -20.71
N ASN B 372 -13.68 15.05 -20.86
CA ASN B 372 -14.33 13.75 -20.96
C ASN B 372 -14.62 13.12 -19.60
N GLN B 373 -14.62 13.92 -18.54
CA GLN B 373 -15.02 13.48 -17.20
C GLN B 373 -14.16 12.34 -16.67
N VAL B 374 -12.88 12.34 -17.01
CA VAL B 374 -11.93 11.38 -16.45
C VAL B 374 -11.14 12.07 -15.35
N ILE B 375 -10.89 11.34 -14.26
CA ILE B 375 -9.99 11.81 -13.19
C ILE B 375 -8.80 10.87 -13.16
N HIS B 376 -7.59 11.45 -13.21
CA HIS B 376 -6.39 10.62 -13.25
C HIS B 376 -6.14 9.97 -11.88
N ARG B 377 -6.17 10.76 -10.82
CA ARG B 377 -6.04 10.37 -9.43
C ARG B 377 -4.60 10.09 -9.04
N ASN B 378 -3.68 10.01 -9.99
CA ASN B 378 -2.30 9.65 -9.68
C ASN B 378 -1.33 10.52 -10.48
N ILE B 379 -1.59 11.81 -10.49
CA ILE B 379 -0.67 12.75 -11.12
C ILE B 379 0.55 12.88 -10.21
N LYS B 380 1.68 12.34 -10.66
CA LYS B 380 2.93 12.41 -9.93
C LYS B 380 4.05 12.06 -10.92
N SER B 381 5.30 12.26 -10.47
CA SER B 381 6.42 12.28 -11.41
C SER B 381 6.63 10.93 -12.08
N ASP B 382 6.40 9.82 -11.37
CA ASP B 382 6.54 8.51 -11.98
C ASP B 382 5.59 8.33 -13.17
N ASN B 383 4.45 9.01 -13.15
CA ASN B 383 3.42 8.84 -14.16
C ASN B 383 3.52 9.87 -15.28
N ILE B 384 4.61 10.62 -15.34
CA ILE B 384 4.91 11.53 -16.43
C ILE B 384 6.07 10.93 -17.21
N LEU B 385 5.82 10.60 -18.48
CA LEU B 385 6.84 10.05 -19.37
C LEU B 385 7.29 11.09 -20.37
N LEU B 386 8.57 11.03 -20.72
CA LEU B 386 9.19 12.00 -21.63
C LEU B 386 9.66 11.30 -22.90
N GLY B 387 9.51 12.00 -24.02
CA GLY B 387 10.04 11.54 -25.28
C GLY B 387 11.39 12.17 -25.57
N MET B 388 12.10 11.58 -26.53
CA MET B 388 13.46 12.02 -26.81
C MET B 388 13.49 13.40 -27.46
N ASP B 389 12.37 13.89 -27.98
CA ASP B 389 12.26 15.27 -28.44
C ASP B 389 11.68 16.19 -27.38
N GLY B 390 11.54 15.71 -26.14
CA GLY B 390 11.04 16.53 -25.06
C GLY B 390 9.54 16.51 -24.86
N SER B 391 8.84 15.64 -25.57
CA SER B 391 7.39 15.53 -25.38
C SER B 391 7.09 15.07 -23.95
N VAL B 392 5.91 15.47 -23.46
CA VAL B 392 5.49 15.20 -22.09
C VAL B 392 4.11 14.56 -22.15
N LYS B 393 3.99 13.34 -21.62
CA LYS B 393 2.73 12.59 -21.70
C LYS B 393 2.41 11.88 -20.39
N LEU B 394 1.13 11.87 -20.04
CA LEU B 394 0.63 11.19 -18.84
C LEU B 394 0.41 9.71 -19.11
N THR B 395 0.56 8.90 -18.06
CA THR B 395 0.31 7.48 -18.16
C THR B 395 -0.25 6.93 -16.84
N ASP B 396 -0.64 5.66 -16.87
CA ASP B 396 -1.03 4.89 -15.69
C ASP B 396 -2.26 5.47 -15.01
N PHE B 397 -3.35 5.54 -15.77
CA PHE B 397 -4.65 5.92 -15.23
C PHE B 397 -5.74 5.12 -15.94
N GLY B 398 -6.96 5.20 -15.41
CA GLY B 398 -8.11 4.52 -15.98
C GLY B 398 -9.09 5.52 -16.55
N PHE B 399 -9.52 5.27 -17.79
CA PHE B 399 -10.63 6.02 -18.36
C PHE B 399 -11.94 5.62 -17.71
N CYS B 400 -12.08 4.34 -17.35
CA CYS B 400 -13.28 3.85 -16.70
C CYS B 400 -12.99 3.50 -15.24
N GLN B 407 -8.57 -0.65 -1.46
CA GLN B 407 -8.39 0.42 -0.47
C GLN B 407 -9.19 0.13 0.80
N SER B 408 -8.76 -0.87 1.57
CA SER B 408 -9.48 -1.31 2.76
C SER B 408 -9.09 -0.47 3.97
N LYS B 409 -10.11 -0.04 4.74
CA LYS B 409 -9.83 0.63 6.00
C LYS B 409 -9.09 -0.29 6.96
N ARG B 410 -9.28 -1.60 6.83
CA ARG B 410 -8.57 -2.55 7.67
C ARG B 410 -7.10 -2.68 7.27
N SER B 411 -6.78 -2.46 6.01
CA SER B 411 -5.42 -2.63 5.52
C SER B 411 -4.53 -1.48 5.97
N GLU B 412 -3.25 -1.77 6.14
CA GLU B 412 -2.28 -0.75 6.49
C GLU B 412 -1.86 0.02 5.23
N MET B 413 -1.40 1.24 5.44
CA MET B 413 -1.01 2.12 4.35
C MET B 413 0.43 1.81 3.91
N VAL B 414 0.61 1.49 2.64
CA VAL B 414 1.92 1.46 1.99
C VAL B 414 1.77 2.17 0.66
N GLY B 415 2.57 3.21 0.42
CA GLY B 415 3.46 3.89 1.33
C GLY B 415 2.87 5.25 1.67
N THR B 416 3.53 6.33 1.28
CA THR B 416 3.04 7.67 1.57
C THR B 416 2.32 8.20 0.34
N PRO B 417 1.05 8.58 0.44
CA PRO B 417 0.31 9.10 -0.73
C PRO B 417 0.46 10.61 -0.85
N TYR B 418 1.69 11.06 -1.08
CA TYR B 418 2.02 12.47 -0.95
C TYR B 418 1.30 13.35 -1.95
N TRP B 419 0.79 12.78 -3.04
CA TRP B 419 0.16 13.55 -4.09
C TRP B 419 -1.33 13.77 -3.88
N MET B 420 -1.92 13.20 -2.84
CA MET B 420 -3.37 13.20 -2.71
C MET B 420 -3.87 14.47 -2.05
N ALA B 421 -4.94 15.03 -2.62
CA ALA B 421 -5.54 16.25 -2.09
C ALA B 421 -6.15 16.00 -0.72
N PRO B 422 -6.36 17.06 0.06
CA PRO B 422 -7.02 16.88 1.37
C PRO B 422 -8.36 16.17 1.28
N GLU B 423 -9.16 16.45 0.25
CA GLU B 423 -10.48 15.83 0.15
C GLU B 423 -10.39 14.36 -0.21
N VAL B 424 -9.28 13.91 -0.79
CA VAL B 424 -9.12 12.48 -1.08
C VAL B 424 -8.63 11.74 0.16
N VAL B 425 -7.77 12.36 0.98
CA VAL B 425 -7.28 11.67 2.16
C VAL B 425 -8.39 11.52 3.20
N THR B 426 -9.31 12.47 3.24
CA THR B 426 -10.48 12.38 4.09
C THR B 426 -11.56 11.47 3.51
N ARG B 427 -11.26 10.78 2.42
CA ARG B 427 -12.17 9.81 1.80
C ARG B 427 -13.56 10.41 1.60
N LYS B 428 -13.60 11.68 1.21
CA LYS B 428 -14.81 12.33 0.74
C LYS B 428 -14.92 12.14 -0.76
N ALA B 429 -16.15 12.08 -1.28
CA ALA B 429 -16.32 12.07 -2.73
C ALA B 429 -15.58 13.27 -3.31
N TYR B 430 -14.94 13.06 -4.46
CA TYR B 430 -14.04 14.07 -5.01
C TYR B 430 -14.19 14.14 -6.51
N GLY B 431 -13.60 15.19 -7.08
CA GLY B 431 -13.75 15.47 -8.49
C GLY B 431 -12.45 15.82 -9.19
N PRO B 432 -12.56 16.41 -10.38
CA PRO B 432 -11.36 16.64 -11.20
C PRO B 432 -10.30 17.50 -10.54
N LYS B 433 -10.64 18.31 -9.53
CA LYS B 433 -9.67 19.22 -8.96
C LYS B 433 -8.59 18.52 -8.15
N VAL B 434 -8.79 17.24 -7.80
CA VAL B 434 -7.74 16.51 -7.08
C VAL B 434 -6.50 16.38 -7.96
N ASP B 435 -6.68 16.30 -9.28
CA ASP B 435 -5.53 16.28 -10.19
C ASP B 435 -4.76 17.59 -10.12
N ILE B 436 -5.47 18.71 -10.00
CA ILE B 436 -4.82 20.01 -9.92
C ILE B 436 -3.97 20.09 -8.66
N TRP B 437 -4.49 19.64 -7.53
CA TRP B 437 -3.68 19.53 -6.32
C TRP B 437 -2.43 18.71 -6.59
N SER B 438 -2.62 17.50 -7.15
CA SER B 438 -1.48 16.63 -7.44
C SER B 438 -0.44 17.33 -8.30
N LEU B 439 -0.89 18.12 -9.28
CA LEU B 439 0.05 18.83 -10.14
C LEU B 439 0.86 19.85 -9.35
N GLY B 440 0.21 20.56 -8.42
CA GLY B 440 0.94 21.49 -7.57
C GLY B 440 2.00 20.78 -6.74
N ILE B 441 1.64 19.63 -6.18
CA ILE B 441 2.62 18.82 -5.46
C ILE B 441 3.79 18.47 -6.38
N MET B 442 3.48 18.05 -7.62
CA MET B 442 4.54 17.65 -8.54
C MET B 442 5.44 18.83 -8.87
N ALA B 443 4.87 20.02 -9.02
CA ALA B 443 5.69 21.20 -9.28
C ALA B 443 6.63 21.47 -8.10
N ILE B 444 6.14 21.29 -6.87
CA ILE B 444 7.01 21.46 -5.71
C ILE B 444 8.11 20.40 -5.73
N GLU B 445 7.75 19.16 -6.10
CA GLU B 445 8.75 18.11 -6.21
C GLU B 445 9.83 18.50 -7.22
N MET B 446 9.42 19.07 -8.36
CA MET B 446 10.36 19.45 -9.41
C MET B 446 11.37 20.47 -8.91
N ILE B 447 10.91 21.48 -8.16
CA ILE B 447 11.83 22.52 -7.74
C ILE B 447 12.63 22.11 -6.51
N GLU B 448 12.09 21.23 -5.68
CA GLU B 448 12.80 20.77 -4.50
C GLU B 448 13.64 19.52 -4.75
N GLY B 449 13.39 18.81 -5.84
CA GLY B 449 14.15 17.61 -6.15
C GLY B 449 13.72 16.36 -5.43
N GLU B 450 12.68 16.42 -4.60
CA GLU B 450 12.22 15.29 -3.83
C GLU B 450 10.71 15.39 -3.65
N PRO B 451 10.01 14.28 -3.53
CA PRO B 451 8.60 14.34 -3.15
C PRO B 451 8.43 14.97 -1.78
N PRO B 452 7.29 15.61 -1.51
CA PRO B 452 7.16 16.38 -0.28
C PRO B 452 7.37 15.61 1.02
N TYR B 453 6.87 14.39 1.15
CA TYR B 453 6.90 13.69 2.43
C TYR B 453 7.83 12.48 2.37
N LEU B 454 9.09 12.70 2.75
CA LEU B 454 10.03 11.66 3.13
C LEU B 454 10.44 11.92 4.57
N ASN B 455 11.10 10.95 5.18
CA ASN B 455 11.41 11.01 6.61
C ASN B 455 10.15 11.11 7.46
N GLU B 456 8.99 10.79 6.87
CA GLU B 456 7.70 11.00 7.49
C GLU B 456 6.81 9.79 7.28
N ASN B 457 6.20 9.31 8.37
CA ASN B 457 5.39 8.10 8.30
C ASN B 457 4.10 8.34 7.51
N PRO B 458 3.61 7.32 6.81
CA PRO B 458 2.40 7.52 5.99
C PRO B 458 1.22 8.10 6.74
N LEU B 459 0.87 7.53 7.90
CA LEU B 459 -0.28 8.03 8.64
C LEU B 459 -0.05 9.46 9.08
N ARG B 460 1.19 9.80 9.45
CA ARG B 460 1.51 11.19 9.79
C ARG B 460 1.38 12.09 8.58
N ALA B 461 1.83 11.63 7.41
CA ALA B 461 1.65 12.40 6.19
C ALA B 461 0.17 12.61 5.90
N LEU B 462 -0.63 11.55 6.02
CA LEU B 462 -2.07 11.65 5.82
C LEU B 462 -2.66 12.76 6.67
N TYR B 463 -2.31 12.79 7.96
CA TYR B 463 -2.86 13.82 8.84
C TYR B 463 -2.41 15.21 8.40
N LEU B 464 -1.15 15.35 8.00
CA LEU B 464 -0.66 16.67 7.60
C LEU B 464 -1.35 17.15 6.33
N ILE B 465 -1.49 16.27 5.34
CA ILE B 465 -2.24 16.63 4.14
C ILE B 465 -3.62 17.14 4.52
N ALA B 466 -4.28 16.44 5.44
CA ALA B 466 -5.67 16.77 5.78
C ALA B 466 -5.75 18.04 6.61
N THR B 467 -4.78 18.25 7.51
CA THR B 467 -4.83 19.35 8.48
C THR B 467 -4.13 20.59 7.96
N ASN B 468 -2.84 20.47 7.65
CA ASN B 468 -2.07 21.60 7.16
C ASN B 468 -2.41 21.94 5.72
N GLY B 469 -2.71 20.93 4.91
CA GLY B 469 -3.13 21.17 3.54
C GLY B 469 -2.05 21.75 2.64
N THR B 470 -2.24 23.00 2.20
CA THR B 470 -1.31 23.65 1.27
C THR B 470 0.11 23.38 1.76
N PRO B 471 0.83 22.50 1.08
CA PRO B 471 2.09 21.97 1.64
C PRO B 471 3.10 23.07 1.94
N GLU B 472 3.90 22.83 2.98
CA GLU B 472 4.98 23.74 3.31
C GLU B 472 6.17 23.46 2.41
N LEU B 473 6.74 24.52 1.83
CA LEU B 473 7.90 24.42 0.98
C LEU B 473 9.11 25.02 1.70
N GLN B 474 10.29 24.46 1.42
CA GLN B 474 11.52 24.94 2.01
C GLN B 474 11.95 26.24 1.34
N ASN B 475 12.20 27.27 2.15
CA ASN B 475 12.67 28.58 1.70
C ASN B 475 11.87 29.07 0.50
N PRO B 476 10.68 29.62 0.72
CA PRO B 476 9.92 30.16 -0.41
C PRO B 476 10.66 31.23 -1.16
N GLU B 477 11.59 31.94 -0.50
CA GLU B 477 12.35 33.01 -1.16
C GLU B 477 13.16 32.48 -2.34
N LYS B 478 13.33 31.16 -2.45
CA LYS B 478 13.98 30.57 -3.62
C LYS B 478 13.12 30.69 -4.87
N LEU B 479 11.81 30.83 -4.73
CA LEU B 479 10.89 30.81 -5.86
C LEU B 479 10.56 32.22 -6.33
N SER B 480 10.30 32.35 -7.61
CA SER B 480 9.77 33.59 -8.15
C SER B 480 8.34 33.82 -7.64
N ALA B 481 7.95 35.10 -7.60
CA ALA B 481 6.60 35.42 -7.13
C ALA B 481 5.53 34.76 -7.99
N ILE B 482 5.75 34.68 -9.30
CA ILE B 482 4.71 34.12 -10.17
C ILE B 482 4.64 32.59 -10.06
N PHE B 483 5.76 31.92 -9.80
CA PHE B 483 5.71 30.49 -9.53
C PHE B 483 4.92 30.21 -8.25
N ARG B 484 5.16 31.00 -7.19
CA ARG B 484 4.47 30.78 -5.94
C ARG B 484 2.98 31.04 -6.08
N ASP B 485 2.60 32.07 -6.84
CA ASP B 485 1.19 32.29 -7.12
C ASP B 485 0.59 31.07 -7.81
N PHE B 486 1.28 30.54 -8.82
CA PHE B 486 0.79 29.35 -9.51
C PHE B 486 0.57 28.20 -8.53
N LEU B 487 1.54 27.97 -7.63
CA LEU B 487 1.38 26.91 -6.64
C LEU B 487 0.18 27.18 -5.75
N ASN B 488 -0.09 28.44 -5.43
CA ASN B 488 -1.21 28.77 -4.55
C ASN B 488 -2.55 28.55 -5.26
N ARG B 489 -2.59 28.74 -6.58
CA ARG B 489 -3.81 28.43 -7.32
C ARG B 489 -4.05 26.93 -7.36
N CYS B 490 -2.99 26.13 -7.47
CA CYS B 490 -3.13 24.68 -7.56
C CYS B 490 -3.48 24.06 -6.22
N LEU B 491 -2.94 24.62 -5.12
CA LEU B 491 -3.06 23.97 -3.82
C LEU B 491 -4.00 24.76 -2.92
N GLU B 492 -5.18 25.10 -3.44
CA GLU B 492 -6.23 25.78 -2.70
C GLU B 492 -7.07 24.71 -2.01
N MET B 493 -6.95 24.64 -0.67
CA MET B 493 -7.68 23.63 0.09
C MET B 493 -9.17 23.66 -0.23
N ASP B 494 -9.73 24.86 -0.41
CA ASP B 494 -11.12 24.98 -0.84
C ASP B 494 -11.23 24.60 -2.31
N VAL B 495 -11.97 23.53 -2.59
CA VAL B 495 -12.04 23.01 -3.96
C VAL B 495 -12.56 24.09 -4.91
N GLU B 496 -13.61 24.80 -4.51
CA GLU B 496 -14.22 25.78 -5.40
C GLU B 496 -13.21 26.84 -5.84
N LYS B 497 -12.34 27.26 -4.91
CA LYS B 497 -11.37 28.30 -5.23
C LYS B 497 -10.21 27.76 -6.07
N ARG B 498 -9.87 26.49 -5.89
CA ARG B 498 -8.76 25.89 -6.63
C ARG B 498 -9.02 25.96 -8.13
N GLY B 499 -7.99 26.35 -8.87
CA GLY B 499 -8.16 26.53 -10.30
C GLY B 499 -8.50 25.23 -11.01
N SER B 500 -9.24 25.37 -12.09
CA SER B 500 -9.46 24.27 -13.02
C SER B 500 -8.29 24.14 -13.97
N ALA B 501 -8.25 23.03 -14.70
CA ALA B 501 -7.22 22.86 -15.73
C ALA B 501 -7.33 23.98 -16.77
N LYS B 502 -8.54 24.24 -17.24
CA LYS B 502 -8.75 25.26 -18.26
C LYS B 502 -8.30 26.63 -17.75
N GLU B 503 -8.65 26.97 -16.51
CA GLU B 503 -8.27 28.28 -15.99
C GLU B 503 -6.75 28.41 -15.89
N LEU B 504 -6.07 27.37 -15.41
CA LEU B 504 -4.64 27.46 -15.16
C LEU B 504 -3.81 27.46 -16.44
N LEU B 505 -4.34 26.90 -17.53
CA LEU B 505 -3.66 27.06 -18.81
C LEU B 505 -3.51 28.53 -19.19
N GLN B 506 -4.28 29.41 -18.57
CA GLN B 506 -4.15 30.85 -18.78
C GLN B 506 -3.18 31.52 -17.79
N HIS B 507 -2.64 30.78 -16.84
CA HIS B 507 -1.88 31.42 -15.77
C HIS B 507 -0.57 31.98 -16.29
N GLN B 508 -0.19 33.14 -15.75
CA GLN B 508 0.99 33.85 -16.22
C GLN B 508 2.25 32.98 -16.12
N PHE B 509 2.38 32.22 -15.02
CA PHE B 509 3.61 31.44 -14.84
C PHE B 509 3.92 30.58 -16.04
N LEU B 510 2.91 30.06 -16.72
CA LEU B 510 3.13 29.20 -17.87
C LEU B 510 3.73 29.93 -19.06
N LYS B 511 3.75 31.27 -19.05
CA LYS B 511 4.27 32.03 -20.17
C LYS B 511 5.78 32.18 -20.13
N ILE B 512 6.45 31.75 -19.06
CA ILE B 512 7.91 31.68 -19.08
C ILE B 512 8.39 30.32 -19.55
N ALA B 513 7.48 29.44 -19.96
CA ALA B 513 7.86 28.10 -20.38
C ALA B 513 8.94 28.16 -21.46
N LYS B 514 9.95 27.32 -21.31
CA LYS B 514 10.95 27.16 -22.36
C LYS B 514 10.43 26.21 -23.43
N PRO B 515 11.00 26.26 -24.63
CA PRO B 515 10.68 25.22 -25.62
C PRO B 515 10.89 23.82 -25.04
N LEU B 516 10.11 22.87 -25.56
CA LEU B 516 10.21 21.51 -25.04
C LEU B 516 11.58 20.91 -25.31
N SER B 517 12.27 21.38 -26.36
CA SER B 517 13.63 20.92 -26.61
C SER B 517 14.55 21.23 -25.43
N SER B 518 14.19 22.19 -24.58
CA SER B 518 14.98 22.49 -23.40
C SER B 518 15.00 21.32 -22.42
N LEU B 519 14.07 20.39 -22.55
CA LEU B 519 14.04 19.22 -21.68
C LEU B 519 15.03 18.15 -22.11
N THR B 520 15.44 18.16 -23.38
CA THR B 520 16.30 17.11 -23.88
C THR B 520 17.64 17.03 -23.16
N PRO B 521 18.33 18.13 -22.82
CA PRO B 521 19.55 17.99 -22.01
C PRO B 521 19.31 17.37 -20.64
N LEU B 522 18.14 17.64 -20.02
CA LEU B 522 17.82 17.01 -18.75
C LEU B 522 17.70 15.50 -18.90
N ILE B 523 17.08 15.04 -19.99
CA ILE B 523 16.93 13.61 -20.24
C ILE B 523 18.30 12.96 -20.35
N ALA B 524 19.18 13.54 -21.19
CA ALA B 524 20.52 12.98 -21.35
C ALA B 524 21.24 12.91 -20.01
N ALA B 525 21.13 13.97 -19.19
CA ALA B 525 21.75 13.95 -17.88
C ALA B 525 21.18 12.82 -17.02
N ALA B 526 19.86 12.64 -17.04
CA ALA B 526 19.25 11.59 -16.24
C ALA B 526 19.71 10.21 -16.70
N LYS B 527 19.75 9.99 -18.02
CA LYS B 527 20.19 8.69 -18.54
C LYS B 527 21.64 8.41 -18.16
N GLU B 528 22.50 9.43 -18.24
CA GLU B 528 23.91 9.24 -17.91
C GLU B 528 24.08 8.82 -16.45
N ALA B 529 23.23 9.35 -15.56
CA ALA B 529 23.34 9.06 -14.14
C ALA B 529 22.75 7.71 -13.76
N THR B 530 22.06 7.01 -14.69
CA THR B 530 21.32 5.79 -14.36
C THR B 530 21.40 4.76 -15.50
N LYS B 531 22.57 4.20 -15.77
CA LYS B 531 23.81 4.46 -15.06
C LYS B 531 24.80 5.14 -16.00
C14 A1BW5 C . 0.83 -17.26 5.83
C11 A1BW5 C . 4.44 -15.33 4.03
C10 A1BW5 C . 3.20 -15.95 4.08
C12 A1BW5 C . 2.91 -17.11 3.11
C13 A1BW5 C . 0.99 -16.14 5.03
C01 A1BW5 C . 6.69 -9.66 2.84
C02 A1BW5 C . 7.32 -10.34 4.07
C03 A1BW5 C . 7.30 -11.86 4.00
C04 A1BW5 C . 5.89 -12.39 4.25
C06 A1BW5 C . 4.71 -14.28 4.89
C07 A1BW5 C . 3.75 -13.85 5.80
C08 A1BW5 C . 2.53 -14.48 5.84
C09 A1BW5 C . 2.23 -15.52 4.98
C15 A1BW5 C . -0.43 -17.89 5.88
C16 A1BW5 C . -0.66 -19.05 6.69
C18 A1BW5 C . -2.86 -19.05 5.97
C20 A1BW5 C . -1.46 -17.37 5.16
C22 A1BW5 C . -0.10 -15.65 4.31
C24 A1BW5 C . -2.40 -15.72 3.62
C25 A1BW5 C . -2.90 -14.42 4.22
C26 A1BW5 C . -3.10 -14.53 5.73
C29 A1BW5 C . -4.96 -19.65 4.77
N17 A1BW5 C . -1.87 -19.59 6.69
N19 A1BW5 C . -2.68 -17.98 5.22
N21 A1BW5 C . -1.27 -16.25 4.38
N27 A1BW5 C . -3.74 -13.32 6.22
N28 A1BW5 C . -4.17 -19.67 5.99
O05 A1BW5 C . 5.98 -13.65 4.84
O23 A1BW5 C . 0.02 -14.68 3.62
H141 A1BW5 C . 1.67 -17.66 6.40
H111 A1BW5 C . 5.19 -15.66 3.31
H121 A1BW5 C . 3.75 -17.23 2.43
H123 A1BW5 C . 2.01 -16.89 2.55
H122 A1BW5 C . 2.76 -18.03 3.68
H013 A1BW5 C . 7.28 -8.79 2.57
H011 A1BW5 C . 5.68 -9.35 3.09
H012 A1BW5 C . 6.67 -10.36 2.02
H021 A1BW5 C . 6.78 -10.02 4.96
H022 A1BW5 C . 8.35 -10.00 4.15
H031 A1BW5 C . 7.98 -12.27 4.75
H032 A1BW5 C . 7.64 -12.18 3.02
H042 A1BW5 C . 5.35 -12.46 3.31
H041 A1BW5 C . 5.37 -11.71 4.93
H071 A1BW5 C . 3.98 -13.03 6.47
H081 A1BW5 C . 1.77 -14.15 6.56
H161 A1BW5 C . 0.14 -19.49 7.27
H242 A1BW5 C . -2.07 -15.54 2.60
H241 A1BW5 C . -3.20 -16.45 3.61
H252 A1BW5 C . -3.84 -14.15 3.76
H251 A1BW5 C . -2.18 -13.63 4.01
H261 A1BW5 C . -2.14 -14.65 6.21
H262 A1BW5 C . -3.73 -15.38 5.94
H293 A1BW5 C . -5.82 -20.32 4.89
H292 A1BW5 C . -4.35 -19.97 3.93
H291 A1BW5 C . -5.32 -18.64 4.60
H271 A1BW5 C . -3.24 -12.97 7.01
H281 A1BW5 C . -4.52 -20.09 6.82
S DMS D . -3.22 4.90 -19.66
O DMS D . -1.98 5.23 -20.43
C1 DMS D . -2.95 3.45 -18.60
C2 DMS D . -4.43 4.18 -20.82
H11 DMS D . -1.93 3.40 -18.32
H12 DMS D . -3.21 2.58 -19.12
H13 DMS D . -3.54 3.55 -17.72
H21 DMS D . -5.35 4.06 -20.33
H22 DMS D . -4.55 4.83 -21.64
H23 DMS D . -4.08 3.25 -21.16
C14 A1BW5 E . 3.34 2.43 -21.71
C11 A1BW5 E . 0.07 -0.72 -21.34
C10 A1BW5 E . 1.37 -0.23 -21.34
C12 A1BW5 E . 2.48 -1.03 -22.01
C13 A1BW5 E . 2.94 1.50 -20.75
C01 A1BW5 E . -5.19 -1.88 -19.63
C02 A1BW5 E . -5.18 -1.16 -20.96
C03 A1BW5 E . -4.52 0.22 -20.88
C04 A1BW5 E . -3.14 0.23 -21.54
C06 A1BW5 E . -0.94 0.01 -20.75
C07 A1BW5 E . -0.66 1.24 -20.15
C08 A1BW5 E . 0.64 1.73 -20.15
C09 A1BW5 E . 1.66 1.00 -20.76
C15 A1BW5 E . 4.67 2.92 -21.66
C16 A1BW5 E . 5.13 3.87 -22.60
C18 A1BW5 E . 7.20 3.84 -21.57
C20 A1BW5 E . 5.52 2.47 -20.70
C22 A1BW5 E . 3.87 1.07 -19.78
C24 A1BW5 E . 6.03 1.08 -18.76
C25 A1BW5 E . 5.75 1.69 -17.38
C26 A1BW5 E . 5.44 3.19 -17.46
C29 A1BW5 E . 9.34 4.06 -20.28
N17 A1BW5 E . 6.39 4.29 -22.52
N19 A1BW5 E . 6.80 2.96 -20.67
N21 A1BW5 E . 5.10 1.55 -19.77
N27 A1BW5 E . 5.31 3.75 -16.14
N28 A1BW5 E . 8.57 4.32 -21.48
O05 A1BW5 E . -2.25 -0.49 -20.73
O23 A1BW5 E . 3.54 0.28 -18.96
H141 A1BW5 E . 2.65 2.77 -22.47
H111 A1BW5 E . -0.15 -1.66 -21.82
H121 A1BW5 E . 3.26 -1.26 -21.29
H123 A1BW5 E . 2.92 -0.45 -22.83
H122 A1BW5 E . 2.08 -1.96 -22.40
H013 A1BW5 E . -5.81 -1.32 -18.92
H011 A1BW5 E . -4.18 -1.95 -19.24
H012 A1BW5 E . -5.60 -2.88 -19.75
H021 A1BW5 E . -6.20 -1.04 -21.31
H022 A1BW5 E . -4.64 -1.77 -21.69
H031 A1BW5 E . -4.40 0.48 -19.83
H032 A1BW5 E . -5.15 0.95 -21.36
H042 A1BW5 E . -3.19 -0.23 -22.53
H041 A1BW5 E . -2.79 1.26 -21.64
H071 A1BW5 E . -1.45 1.81 -19.68
H081 A1BW5 E . 0.87 2.68 -19.69
H161 A1BW5 E . 4.49 4.25 -23.38
H242 A1BW5 E . 5.95 0.00 -18.68
H241 A1BW5 E . 7.04 1.34 -19.06
H252 A1BW5 E . 4.91 1.18 -16.93
H251 A1BW5 E . 6.62 1.55 -16.75
H261 A1BW5 E . 4.50 3.32 -18.00
H262 A1BW5 E . 6.23 3.69 -18.00
H293 A1BW5 E . 10.29 4.59 -20.33
H292 A1BW5 E . 8.78 4.40 -19.42
H291 A1BW5 E . 9.54 2.99 -20.20
H271 A1BW5 E . 6.10 4.33 -15.95
H281 A1BW5 E . 8.98 4.81 -22.25
#